data_4OYA
#
_entry.id   4OYA
#
_cell.length_a   99.669
_cell.length_b   99.669
_cell.length_c   98.175
_cell.angle_alpha   90.00
_cell.angle_beta   90.00
_cell.angle_gamma   120.00
#
_symmetry.space_group_name_H-M   'P 63'
#
loop_
_entity.id
_entity.type
_entity.pdbx_description
1 polymer 'Adenylate cyclase type 10'
2 non-polymer (4-azanyl-1,2,5-oxadiazol-3-yl)-[3-(1H-benzimidazol-2-ylmethoxy)phenyl]methanone
3 non-polymer GLYCEROL
4 water water
#
_entity_poly.entity_id   1
_entity_poly.type   'polypeptide(L)'
_entity_poly.pdbx_seq_one_letter_code
;(ACE)MNTPKEEFQDWPIVRIAAHLPDLIVYGHFSPERPFMDYFDGVLMFVDISGFTAMTEKFSSAMYMDRGAEQLVEIL
NYHISAIVEKVLIFGGDILKFAGDALLALWRVERKQLKNIITVVIKCSLEIHGLFETQEWEEGLDIRVKIGLAAGHISML
VFGDETHSHFLVIGQAVDDVRLAQNMAQMNDVILSPNCWQLCDRSMIEIESVPDQRAVKVNFLKPPPNFNFDEFFTKCTT
FMHYYPSGEHKNLLRLA(CME)TLKPDPELEMSLQKYVMESILKQIDNKQLQGYLSELRPVTIVFVNLMFEDQDKAEEIG
PAIQDAYMHITSVLKIFQGQINKVFMFDKGCSFLCVFGFPGEKVPDELTHALECAMDIFDFCSQVHKIQTVSIGVASGIV
FCGIVGHTVRHEYTVIGQKVNLAARMMMYYPGIVTCDSVTYNGSNLPAYFFKELPKKVMKGVADSGPLYQYWGRTEKV
;
_entity_poly.pdbx_strand_id   A
#
# COMPACT_ATOMS: atom_id res chain seq x y z
N MET A 2 35.33 -20.90 -30.28
CA MET A 2 35.08 -19.70 -29.49
C MET A 2 34.50 -20.02 -28.11
N ASN A 3 34.96 -19.30 -27.05
CA ASN A 3 34.34 -19.42 -25.73
C ASN A 3 32.93 -18.86 -25.76
N THR A 4 32.09 -19.37 -24.85
CA THR A 4 30.72 -18.91 -24.70
C THR A 4 30.56 -18.60 -23.21
N PRO A 5 31.10 -17.46 -22.71
CA PRO A 5 30.84 -17.10 -21.30
C PRO A 5 29.36 -16.81 -21.10
N LYS A 6 28.77 -17.35 -20.03
CA LYS A 6 27.35 -17.11 -19.74
C LYS A 6 27.15 -15.83 -18.90
N GLU A 7 26.06 -15.81 -18.09
CA GLU A 7 25.54 -14.72 -17.24
C GLU A 7 25.65 -13.33 -17.86
N GLU A 8 24.53 -12.91 -18.47
CA GLU A 8 24.30 -11.51 -18.79
C GLU A 8 24.36 -10.64 -17.51
N PHE A 9 24.69 -9.34 -17.68
CA PHE A 9 24.46 -8.35 -16.64
C PHE A 9 22.94 -8.19 -16.53
N GLN A 10 22.42 -8.26 -15.29
CA GLN A 10 21.01 -7.97 -15.00
C GLN A 10 20.91 -7.10 -13.73
N ASP A 11 21.87 -6.17 -13.51
CA ASP A 11 21.76 -5.27 -12.35
C ASP A 11 21.76 -3.76 -12.75
N TRP A 12 21.27 -3.48 -13.94
CA TRP A 12 21.10 -2.13 -14.48
C TRP A 12 20.19 -1.24 -13.60
N PRO A 13 20.44 0.11 -13.52
CA PRO A 13 19.45 1.02 -12.90
C PRO A 13 17.98 0.79 -13.28
N ILE A 14 17.66 0.50 -14.54
CA ILE A 14 16.29 0.28 -14.92
C ILE A 14 15.68 -0.94 -14.18
N VAL A 15 16.45 -2.01 -14.00
CA VAL A 15 15.99 -3.22 -13.26
C VAL A 15 15.77 -2.87 -11.78
N ARG A 16 16.71 -2.11 -11.19
CA ARG A 16 16.59 -1.70 -9.78
C ARG A 16 15.36 -0.85 -9.57
N ILE A 17 15.12 0.10 -10.49
CA ILE A 17 13.88 0.89 -10.51
C ILE A 17 12.63 -0.01 -10.60
N ALA A 18 12.62 -0.99 -11.51
CA ALA A 18 11.45 -1.85 -11.71
C ALA A 18 11.09 -2.70 -10.49
N ALA A 19 12.07 -3.02 -9.61
CA ALA A 19 11.77 -3.68 -8.34
C ALA A 19 10.73 -2.91 -7.51
N HIS A 20 10.68 -1.58 -7.65
CA HIS A 20 9.78 -0.69 -6.86
C HIS A 20 8.35 -0.59 -7.41
N LEU A 21 8.11 -1.29 -8.56
CA LEU A 21 6.89 -1.15 -9.36
C LEU A 21 6.22 -2.47 -9.75
N PRO A 22 4.89 -2.52 -9.87
CA PRO A 22 4.26 -3.77 -10.34
C PRO A 22 4.39 -3.86 -11.87
N ASP A 23 4.24 -5.06 -12.43
CA ASP A 23 4.08 -5.29 -13.88
C ASP A 23 2.99 -4.43 -14.56
N LEU A 24 1.89 -4.13 -13.83
CA LEU A 24 0.83 -3.22 -14.24
C LEU A 24 1.41 -1.91 -14.76
N ILE A 25 2.48 -1.41 -14.12
CA ILE A 25 3.17 -0.19 -14.51
C ILE A 25 4.34 -0.49 -15.43
N VAL A 26 5.22 -1.44 -15.03
CA VAL A 26 6.48 -1.76 -15.78
C VAL A 26 6.17 -2.04 -17.27
N TYR A 27 5.14 -2.85 -17.51
CA TYR A 27 4.77 -3.25 -18.87
C TYR A 27 3.53 -2.54 -19.37
N GLY A 28 3.13 -1.48 -18.67
CA GLY A 28 1.90 -0.74 -18.94
C GLY A 28 1.86 0.02 -20.24
N HIS A 29 2.96 0.65 -20.68
CA HIS A 29 3.04 1.36 -22.00
C HIS A 29 1.81 2.30 -22.34
N PHE A 30 1.29 3.03 -21.37
CA PHE A 30 0.14 3.94 -21.61
C PHE A 30 0.54 5.41 -21.79
N SER A 31 -0.42 6.25 -22.25
CA SER A 31 -0.27 7.69 -22.49
C SER A 31 0.38 8.42 -21.29
N PRO A 32 1.21 9.47 -21.53
CA PRO A 32 1.72 10.25 -20.39
C PRO A 32 0.72 11.35 -19.94
N GLU A 33 -0.46 11.41 -20.58
CA GLU A 33 -1.62 12.24 -20.24
C GLU A 33 -2.16 11.95 -18.80
N ARG A 34 -2.51 13.04 -18.07
CA ARG A 34 -2.90 12.93 -16.67
C ARG A 34 -4.21 13.67 -16.42
N PRO A 35 -5.26 13.01 -15.86
CA PRO A 35 -5.31 11.61 -15.40
C PRO A 35 -5.39 10.62 -16.55
N PHE A 36 -4.86 9.42 -16.37
CA PHE A 36 -5.07 8.32 -17.30
C PHE A 36 -5.92 7.26 -16.61
N MET A 37 -6.91 6.74 -17.32
CA MET A 37 -7.73 5.66 -16.80
C MET A 37 -7.85 4.50 -17.73
N ASP A 38 -7.74 3.29 -17.18
CA ASP A 38 -7.96 2.04 -17.90
C ASP A 38 -8.86 1.14 -17.08
N TYR A 39 -9.47 0.14 -17.73
CA TYR A 39 -10.48 -0.75 -17.12
C TYR A 39 -10.11 -2.17 -17.53
N PHE A 40 -10.25 -3.12 -16.60
CA PHE A 40 -9.97 -4.55 -16.85
C PHE A 40 -10.70 -5.42 -15.83
N ASP A 41 -10.50 -6.73 -15.89
CA ASP A 41 -10.99 -7.64 -14.85
C ASP A 41 -9.83 -8.33 -14.17
N GLY A 42 -10.02 -8.75 -12.93
CA GLY A 42 -9.01 -9.54 -12.25
C GLY A 42 -9.44 -10.11 -10.93
N VAL A 43 -8.50 -10.81 -10.29
CA VAL A 43 -8.65 -11.25 -8.90
C VAL A 43 -7.69 -10.43 -8.02
N LEU A 44 -8.20 -9.92 -6.90
CA LEU A 44 -7.39 -9.16 -5.95
C LEU A 44 -7.16 -9.97 -4.70
N MET A 45 -5.95 -9.84 -4.15
CA MET A 45 -5.59 -10.47 -2.88
C MET A 45 -5.07 -9.40 -1.95
N PHE A 46 -5.70 -9.28 -0.78
CA PHE A 46 -5.30 -8.31 0.24
C PHE A 46 -4.77 -9.06 1.42
N VAL A 47 -3.48 -8.92 1.70
CA VAL A 47 -2.84 -9.68 2.79
C VAL A 47 -2.62 -8.69 3.90
N ASP A 48 -3.33 -8.86 5.04
CA ASP A 48 -3.15 -8.01 6.22
C ASP A 48 -1.92 -8.50 6.99
N ILE A 49 -0.89 -7.67 7.05
CA ILE A 49 0.40 -7.97 7.72
C ILE A 49 0.62 -7.12 8.99
N SER A 50 -0.45 -6.48 9.51
CA SER A 50 -0.37 -5.68 10.75
C SER A 50 0.11 -6.48 11.98
N GLY A 51 -0.21 -7.78 12.01
CA GLY A 51 0.22 -8.69 13.06
C GLY A 51 1.70 -8.66 13.36
N PHE A 52 2.56 -8.65 12.32
CA PHE A 52 3.99 -8.54 12.59
C PHE A 52 4.54 -7.14 12.38
N THR A 53 3.81 -6.22 11.72
CA THR A 53 4.36 -4.86 11.65
C THR A 53 4.04 -4.02 12.90
N ALA A 54 3.16 -4.54 13.79
CA ALA A 54 2.93 -3.97 15.12
C ALA A 54 4.21 -4.10 16.00
N MET A 55 5.27 -4.77 15.46
CA MET A 55 6.60 -4.93 16.09
C MET A 55 7.38 -3.62 16.25
N THR A 56 6.99 -2.53 15.54
CA THR A 56 7.77 -1.28 15.45
C THR A 56 8.08 -0.66 16.82
N GLU A 57 7.09 -0.53 17.73
CA GLU A 57 7.31 0.26 18.94
C GLU A 57 8.32 -0.41 19.90
N LYS A 58 8.27 -1.74 20.01
CA LYS A 58 9.25 -2.52 20.76
C LYS A 58 10.69 -2.47 20.18
N PHE A 59 10.84 -2.16 18.87
CA PHE A 59 12.17 -2.03 18.26
C PHE A 59 12.79 -0.67 18.59
N SER A 60 11.98 0.27 19.13
CA SER A 60 12.51 1.50 19.77
C SER A 60 13.09 1.28 21.18
N SER A 61 12.78 0.14 21.80
CA SER A 61 13.33 -0.25 23.10
C SER A 61 14.88 -0.18 23.12
N ALA A 62 15.42 0.20 24.27
CA ALA A 62 16.85 0.28 24.54
C ALA A 62 17.50 -1.09 24.45
N MET A 63 16.71 -2.20 24.52
CA MET A 63 17.29 -3.55 24.36
C MET A 63 17.95 -3.77 22.97
N TYR A 64 17.47 -3.05 21.94
CA TYR A 64 17.96 -3.12 20.56
C TYR A 64 19.21 -2.25 20.31
N MET A 65 19.69 -1.56 21.37
CA MET A 65 20.99 -0.89 21.41
C MET A 65 21.23 -0.01 20.18
N ASP A 66 20.25 0.81 19.81
CA ASP A 66 20.38 1.72 18.65
C ASP A 66 20.44 1.01 17.27
N ARG A 67 20.19 -0.31 17.20
CA ARG A 67 20.06 -0.97 15.90
C ARG A 67 18.60 -1.43 15.70
N GLY A 68 17.63 -0.74 16.32
CA GLY A 68 16.22 -1.05 16.17
C GLY A 68 15.72 -1.09 14.74
N ALA A 69 16.02 -0.05 13.96
CA ALA A 69 15.57 0.04 12.57
C ALA A 69 16.15 -1.06 11.70
N GLU A 70 17.44 -1.37 11.93
CA GLU A 70 18.16 -2.40 11.14
C GLU A 70 17.59 -3.80 11.46
N GLN A 71 17.40 -4.12 12.73
CA GLN A 71 16.84 -5.41 13.13
C GLN A 71 15.40 -5.53 12.63
N LEU A 72 14.62 -4.42 12.76
CA LEU A 72 13.23 -4.40 12.31
C LEU A 72 13.10 -4.69 10.79
N VAL A 73 13.82 -3.96 9.95
CA VAL A 73 13.72 -4.19 8.50
C VAL A 73 14.20 -5.61 8.13
N GLU A 74 15.25 -6.10 8.81
CA GLU A 74 15.73 -7.47 8.62
C GLU A 74 14.62 -8.55 8.86
N ILE A 75 13.97 -8.51 10.04
CA ILE A 75 12.95 -9.53 10.40
C ILE A 75 11.69 -9.34 9.53
N LEU A 76 11.28 -8.10 9.28
CA LEU A 76 10.11 -7.79 8.45
C LEU A 76 10.33 -8.36 7.06
N ASN A 77 11.46 -8.02 6.46
CA ASN A 77 11.79 -8.48 5.09
C ASN A 77 11.95 -9.97 5.00
N TYR A 78 12.50 -10.59 6.05
CA TYR A 78 12.58 -12.05 6.06
C TYR A 78 11.14 -12.68 5.86
N HIS A 79 10.15 -12.23 6.65
CA HIS A 79 8.77 -12.76 6.58
C HIS A 79 8.03 -12.28 5.34
N ILE A 80 8.14 -10.98 5.01
CA ILE A 80 7.43 -10.44 3.85
C ILE A 80 7.98 -11.05 2.55
N SER A 81 9.31 -11.27 2.45
CA SER A 81 9.89 -11.90 1.25
C SER A 81 9.26 -13.27 0.96
N ALA A 82 8.94 -14.07 2.00
CA ALA A 82 8.37 -15.40 1.81
C ALA A 82 6.95 -15.28 1.21
N ILE A 83 6.17 -14.28 1.66
CA ILE A 83 4.82 -14.00 1.13
C ILE A 83 4.94 -13.55 -0.35
N VAL A 84 5.87 -12.63 -0.61
CA VAL A 84 6.14 -12.13 -1.96
C VAL A 84 6.48 -13.27 -2.90
N GLU A 85 7.40 -14.16 -2.48
CA GLU A 85 7.76 -15.29 -3.37
C GLU A 85 6.55 -16.16 -3.71
N LYS A 86 5.67 -16.43 -2.73
CA LYS A 86 4.44 -17.20 -2.98
C LYS A 86 3.55 -16.53 -4.02
N VAL A 87 3.23 -15.22 -3.84
CA VAL A 87 2.37 -14.51 -4.79
C VAL A 87 2.98 -14.58 -6.22
N LEU A 88 4.29 -14.33 -6.34
CA LEU A 88 4.95 -14.28 -7.65
C LEU A 88 5.01 -15.62 -8.35
N ILE A 89 5.35 -16.70 -7.63
CA ILE A 89 5.37 -18.06 -8.17
C ILE A 89 3.94 -18.54 -8.59
N PHE A 90 2.92 -18.07 -7.89
CA PHE A 90 1.51 -18.39 -8.28
C PHE A 90 0.99 -17.44 -9.38
N GLY A 91 1.88 -16.57 -9.88
CA GLY A 91 1.59 -15.75 -11.06
C GLY A 91 0.96 -14.39 -10.81
N GLY A 92 0.94 -13.92 -9.56
CA GLY A 92 0.39 -12.61 -9.22
C GLY A 92 1.35 -11.43 -9.39
N ASP A 93 0.81 -10.24 -9.39
CA ASP A 93 1.55 -8.98 -9.50
C ASP A 93 1.35 -8.27 -8.17
N ILE A 94 2.43 -8.00 -7.38
CA ILE A 94 2.28 -7.21 -6.14
C ILE A 94 2.13 -5.74 -6.57
N LEU A 95 0.94 -5.16 -6.34
CA LEU A 95 0.67 -3.77 -6.75
C LEU A 95 1.34 -2.77 -5.83
N LYS A 96 1.23 -2.99 -4.51
CA LYS A 96 1.67 -1.99 -3.52
C LYS A 96 1.84 -2.59 -2.15
N PHE A 97 2.78 -2.05 -1.36
CA PHE A 97 3.00 -2.37 0.03
C PHE A 97 2.59 -1.18 0.89
N ALA A 98 1.98 -1.48 2.03
CA ALA A 98 1.77 -0.50 3.11
C ALA A 98 2.32 -1.14 4.37
N GLY A 99 2.48 -0.33 5.40
CA GLY A 99 2.84 -0.81 6.73
C GLY A 99 1.98 -1.94 7.27
N ASP A 100 0.68 -1.99 6.91
CA ASP A 100 -0.32 -2.93 7.46
C ASP A 100 -0.78 -4.03 6.45
N ALA A 101 -0.52 -3.85 5.13
CA ALA A 101 -0.99 -4.77 4.10
C ALA A 101 -0.16 -4.77 2.80
N LEU A 102 -0.28 -5.86 2.04
CA LEU A 102 0.08 -5.82 0.63
C LEU A 102 -1.09 -6.21 -0.23
N LEU A 103 -1.14 -5.66 -1.43
CA LEU A 103 -2.22 -5.90 -2.35
C LEU A 103 -1.65 -6.51 -3.60
N ALA A 104 -2.26 -7.61 -4.06
CA ALA A 104 -1.79 -8.29 -5.26
C ALA A 104 -2.92 -8.48 -6.24
N LEU A 105 -2.58 -8.55 -7.53
CA LEU A 105 -3.50 -8.60 -8.65
C LEU A 105 -3.14 -9.76 -9.58
N TRP A 106 -4.16 -10.55 -9.97
CA TRP A 106 -4.08 -11.45 -11.12
C TRP A 106 -5.04 -10.87 -12.16
N ARG A 107 -4.46 -10.20 -13.16
CA ARG A 107 -5.25 -9.57 -14.22
C ARG A 107 -5.53 -10.59 -15.31
N VAL A 108 -6.78 -10.74 -15.69
CA VAL A 108 -7.15 -11.78 -16.64
C VAL A 108 -8.43 -11.42 -17.38
N GLU A 109 -8.65 -12.00 -18.57
CA GLU A 109 -9.94 -11.87 -19.27
C GLU A 109 -11.02 -12.55 -18.45
N ARG A 110 -12.28 -12.06 -18.57
CA ARG A 110 -13.43 -12.49 -17.76
C ARG A 110 -13.65 -14.00 -17.71
N LYS A 111 -13.49 -14.69 -18.86
CA LYS A 111 -13.68 -16.14 -19.03
C LYS A 111 -12.78 -16.95 -18.14
N GLN A 112 -11.66 -16.36 -17.79
CA GLN A 112 -10.67 -17.05 -16.98
C GLN A 112 -10.77 -16.70 -15.49
N LEU A 113 -11.71 -15.82 -15.09
CA LEU A 113 -11.83 -15.47 -13.66
C LEU A 113 -12.02 -16.70 -12.77
N LYS A 114 -12.95 -17.60 -13.16
CA LYS A 114 -13.24 -18.84 -12.44
C LYS A 114 -11.99 -19.64 -12.09
N ASN A 115 -11.17 -20.01 -13.09
CA ASN A 115 -9.98 -20.82 -12.85
C ASN A 115 -8.90 -20.09 -12.09
N ILE A 116 -8.72 -18.80 -12.37
CA ILE A 116 -7.75 -17.97 -11.67
C ILE A 116 -8.08 -17.83 -10.18
N ILE A 117 -9.36 -17.68 -9.81
CA ILE A 117 -9.76 -17.68 -8.39
C ILE A 117 -9.23 -18.97 -7.67
N THR A 118 -9.33 -20.13 -8.32
CA THR A 118 -8.81 -21.38 -7.74
C THR A 118 -7.28 -21.26 -7.49
N VAL A 119 -6.54 -20.76 -8.46
CA VAL A 119 -5.08 -20.51 -8.32
C VAL A 119 -4.86 -19.61 -7.07
N VAL A 120 -5.64 -18.52 -6.93
CA VAL A 120 -5.44 -17.50 -5.90
C VAL A 120 -5.82 -18.06 -4.51
N ILE A 121 -6.88 -18.89 -4.45
CA ILE A 121 -7.23 -19.57 -3.19
C ILE A 121 -6.07 -20.48 -2.76
N LYS A 122 -5.55 -21.32 -3.67
CA LYS A 122 -4.43 -22.21 -3.34
C LYS A 122 -3.20 -21.42 -2.84
N CYS A 123 -2.90 -20.27 -3.48
CA CYS A 123 -1.80 -19.38 -3.07
C CYS A 123 -2.05 -18.88 -1.65
N SER A 124 -3.28 -18.37 -1.37
CA SER A 124 -3.68 -17.86 -0.04
C SER A 124 -3.43 -18.89 1.06
N LEU A 125 -3.86 -20.14 0.82
CA LEU A 125 -3.68 -21.24 1.77
C LEU A 125 -2.20 -21.59 1.98
N GLU A 126 -1.39 -21.55 0.93
CA GLU A 126 0.05 -21.74 1.08
C GLU A 126 0.75 -20.57 1.83
N ILE A 127 0.25 -19.32 1.70
CA ILE A 127 0.74 -18.17 2.51
C ILE A 127 0.49 -18.39 4.02
N HIS A 128 -0.74 -18.80 4.38
CA HIS A 128 -1.06 -19.19 5.76
C HIS A 128 -0.14 -20.32 6.27
N GLY A 129 0.18 -21.28 5.39
CA GLY A 129 1.03 -22.44 5.66
C GLY A 129 2.44 -22.07 6.09
N LEU A 130 2.96 -20.92 5.61
CA LEU A 130 4.25 -20.35 5.97
C LEU A 130 4.34 -20.01 7.47
N PHE A 131 3.22 -19.62 8.10
CA PHE A 131 3.19 -19.10 9.46
C PHE A 131 2.49 -20.03 10.47
N GLU A 132 2.17 -21.28 10.07
CA GLU A 132 1.41 -22.23 10.89
C GLU A 132 2.12 -22.58 12.23
N THR A 133 3.44 -22.87 12.21
CA THR A 133 4.22 -23.02 13.45
C THR A 133 5.32 -21.94 13.50
N GLN A 134 4.90 -20.67 13.72
CA GLN A 134 5.81 -19.51 13.76
C GLN A 134 5.47 -18.54 14.90
N GLU A 135 6.51 -18.11 15.65
CA GLU A 135 6.46 -17.13 16.74
C GLU A 135 7.85 -16.54 17.01
N TRP A 136 7.90 -15.39 17.73
CA TRP A 136 9.03 -15.04 18.58
C TRP A 136 8.51 -14.89 20.02
N GLU A 137 9.38 -14.38 20.92
CA GLU A 137 9.11 -14.02 22.33
C GLU A 137 7.61 -14.10 22.71
N GLU A 138 7.19 -15.34 23.09
CA GLU A 138 5.83 -15.76 23.47
C GLU A 138 4.81 -15.64 22.30
N GLY A 139 4.32 -14.43 22.02
CA GLY A 139 3.23 -14.18 21.08
C GLY A 139 3.44 -14.68 19.66
N LEU A 140 2.46 -15.47 19.15
CA LEU A 140 2.53 -16.09 17.82
C LEU A 140 1.81 -15.27 16.71
N ASP A 141 1.57 -13.95 16.98
CA ASP A 141 0.90 -13.01 16.09
C ASP A 141 1.67 -12.75 14.76
N ILE A 142 2.74 -13.54 14.52
CA ILE A 142 3.30 -13.68 13.18
C ILE A 142 2.38 -14.66 12.42
N ARG A 143 1.18 -14.14 12.06
CA ARG A 143 0.17 -14.72 11.18
C ARG A 143 -0.51 -13.60 10.38
N VAL A 144 -1.27 -13.97 9.33
CA VAL A 144 -1.94 -13.03 8.43
C VAL A 144 -3.43 -13.29 8.31
N LYS A 145 -4.14 -12.32 7.72
CA LYS A 145 -5.55 -12.40 7.32
C LYS A 145 -5.59 -12.10 5.84
N ILE A 146 -6.41 -12.84 5.09
CA ILE A 146 -6.45 -12.65 3.62
C ILE A 146 -7.89 -12.40 3.16
N GLY A 147 -8.08 -11.33 2.40
CA GLY A 147 -9.32 -11.06 1.70
C GLY A 147 -9.11 -11.24 0.21
N LEU A 148 -10.08 -11.90 -0.48
CA LEU A 148 -10.07 -12.06 -1.95
C LEU A 148 -11.32 -11.44 -2.58
N ALA A 149 -11.15 -10.74 -3.70
CA ALA A 149 -12.24 -10.23 -4.51
C ALA A 149 -11.97 -10.51 -5.96
N ALA A 150 -13.01 -10.42 -6.79
CA ALA A 150 -12.92 -10.60 -8.23
C ALA A 150 -13.96 -9.75 -8.92
N GLY A 151 -13.64 -9.33 -10.15
CA GLY A 151 -14.56 -8.58 -11.02
C GLY A 151 -13.86 -7.41 -11.70
N HIS A 152 -14.63 -6.35 -11.96
CA HIS A 152 -14.21 -5.16 -12.70
C HIS A 152 -13.26 -4.32 -11.86
N ILE A 153 -12.14 -3.89 -12.48
CA ILE A 153 -11.14 -3.07 -11.79
C ILE A 153 -10.83 -1.89 -12.71
N SER A 154 -10.80 -0.69 -12.13
CA SER A 154 -10.34 0.50 -12.84
C SER A 154 -8.95 0.88 -12.36
N MET A 155 -8.15 1.38 -13.26
CA MET A 155 -6.82 1.86 -12.91
C MET A 155 -6.76 3.37 -13.17
N LEU A 156 -6.15 4.10 -12.23
CA LEU A 156 -5.95 5.53 -12.39
C LEU A 156 -4.46 5.81 -12.27
N VAL A 157 -3.91 6.57 -13.23
CA VAL A 157 -2.56 7.13 -13.16
C VAL A 157 -2.74 8.65 -13.15
N PHE A 158 -2.14 9.29 -12.14
CA PHE A 158 -2.18 10.73 -12.03
C PHE A 158 -0.76 11.25 -11.71
N GLY A 159 -0.56 12.54 -11.88
CA GLY A 159 0.73 13.15 -11.64
C GLY A 159 1.04 14.29 -12.57
N ASP A 160 2.29 14.74 -12.53
CA ASP A 160 2.73 15.87 -13.31
C ASP A 160 3.91 15.44 -14.19
N GLU A 161 4.73 16.41 -14.64
CA GLU A 161 5.82 16.13 -15.59
C GLU A 161 6.96 15.37 -14.95
N THR A 162 7.05 15.35 -13.58
CA THR A 162 8.20 14.70 -12.96
C THR A 162 7.82 13.52 -12.07
N HIS A 163 6.57 13.45 -11.59
CA HIS A 163 6.11 12.43 -10.64
C HIS A 163 4.83 11.78 -11.11
N SER A 164 4.68 10.48 -10.84
CA SER A 164 3.50 9.70 -11.18
C SER A 164 3.06 8.84 -10.01
N HIS A 165 1.75 8.59 -9.95
CA HIS A 165 1.18 7.72 -8.92
C HIS A 165 0.09 6.95 -9.58
N PHE A 166 -0.19 5.75 -9.12
CA PHE A 166 -1.34 5.00 -9.61
C PHE A 166 -2.18 4.47 -8.45
N LEU A 167 -3.42 4.09 -8.77
CA LEU A 167 -4.37 3.47 -7.88
C LEU A 167 -5.20 2.47 -8.69
N VAL A 168 -5.60 1.36 -8.05
CA VAL A 168 -6.72 0.55 -8.55
C VAL A 168 -7.93 0.93 -7.71
N ILE A 169 -9.10 1.01 -8.36
CA ILE A 169 -10.33 1.49 -7.72
C ILE A 169 -11.53 0.66 -8.29
N GLY A 170 -12.68 0.84 -7.65
CA GLY A 170 -13.93 0.21 -8.09
C GLY A 170 -14.44 -0.81 -7.09
N GLN A 171 -15.45 -1.60 -7.48
CA GLN A 171 -16.20 -2.40 -6.49
C GLN A 171 -15.37 -3.56 -5.96
N ALA A 172 -14.63 -4.28 -6.84
CA ALA A 172 -13.73 -5.37 -6.42
C ALA A 172 -12.63 -4.89 -5.44
N VAL A 173 -12.06 -3.70 -5.68
CA VAL A 173 -11.14 -3.02 -4.75
C VAL A 173 -11.86 -2.74 -3.41
N ASP A 174 -13.07 -2.15 -3.44
CA ASP A 174 -13.87 -1.93 -2.21
C ASP A 174 -14.10 -3.26 -1.51
N ASP A 175 -14.50 -4.29 -2.29
CA ASP A 175 -14.83 -5.65 -1.86
C ASP A 175 -13.68 -6.35 -1.15
N VAL A 176 -12.45 -6.20 -1.69
CA VAL A 176 -11.28 -6.88 -1.11
C VAL A 176 -10.97 -6.33 0.29
N ARG A 177 -11.17 -5.02 0.51
CA ARG A 177 -11.00 -4.45 1.84
CA ARG A 177 -11.04 -4.35 1.81
C ARG A 177 -12.09 -4.89 2.80
N LEU A 178 -13.36 -4.94 2.36
CA LEU A 178 -14.49 -5.48 3.15
C LEU A 178 -14.23 -6.96 3.53
N ALA A 179 -13.72 -7.77 2.57
CA ALA A 179 -13.37 -9.18 2.78
C ALA A 179 -12.28 -9.35 3.83
N GLN A 180 -11.20 -8.56 3.71
CA GLN A 180 -10.07 -8.59 4.65
C GLN A 180 -10.47 -8.15 6.09
N ASN A 181 -11.37 -7.16 6.22
CA ASN A 181 -11.84 -6.65 7.52
C ASN A 181 -12.71 -7.69 8.28
N MET A 182 -13.41 -8.59 7.54
CA MET A 182 -14.20 -9.70 8.09
C MET A 182 -13.33 -10.87 8.56
N ALA A 183 -12.12 -11.00 8.00
CA ALA A 183 -11.19 -12.09 8.32
C ALA A 183 -10.65 -12.02 9.76
N GLN A 184 -10.53 -13.20 10.38
CA GLN A 184 -9.75 -13.42 11.61
C GLN A 184 -8.37 -13.95 11.18
N MET A 185 -7.45 -14.17 12.15
CA MET A 185 -6.12 -14.74 11.92
CA MET A 185 -6.14 -14.69 11.84
C MET A 185 -6.26 -16.06 11.20
N ASN A 186 -5.47 -16.27 10.10
CA ASN A 186 -5.45 -17.53 9.35
C ASN A 186 -6.70 -17.72 8.44
N ASP A 187 -7.59 -16.74 8.37
CA ASP A 187 -8.75 -16.85 7.46
C ASP A 187 -8.42 -16.47 6.02
N VAL A 188 -9.16 -17.07 5.08
CA VAL A 188 -9.29 -16.64 3.68
C VAL A 188 -10.80 -16.37 3.48
N ILE A 189 -11.14 -15.08 3.22
CA ILE A 189 -12.50 -14.59 2.95
C ILE A 189 -12.64 -14.25 1.49
N LEU A 190 -13.72 -14.73 0.84
CA LEU A 190 -14.08 -14.38 -0.53
C LEU A 190 -15.17 -13.33 -0.49
N SER A 191 -15.01 -12.26 -1.30
CA SER A 191 -16.06 -11.26 -1.52
C SER A 191 -17.34 -11.95 -2.08
N PRO A 192 -18.55 -11.39 -1.89
CA PRO A 192 -19.75 -12.02 -2.51
C PRO A 192 -19.58 -12.35 -4.01
N ASN A 193 -19.04 -11.42 -4.82
CA ASN A 193 -18.82 -11.59 -6.26
C ASN A 193 -17.77 -12.64 -6.58
N CYS A 194 -16.66 -12.69 -5.83
CA CYS A 194 -15.66 -13.77 -5.91
C CYS A 194 -16.31 -15.11 -5.72
N TRP A 195 -17.09 -15.25 -4.64
CA TRP A 195 -17.87 -16.46 -4.34
C TRP A 195 -18.88 -16.81 -5.46
N GLN A 196 -19.56 -15.79 -6.01
CA GLN A 196 -20.50 -15.99 -7.16
C GLN A 196 -19.79 -16.48 -8.43
N LEU A 197 -18.54 -16.05 -8.65
CA LEU A 197 -17.77 -16.36 -9.87
C LEU A 197 -16.84 -17.58 -9.75
N CYS A 198 -16.59 -18.05 -8.52
CA CYS A 198 -15.61 -19.11 -8.28
C CYS A 198 -16.10 -20.50 -8.71
N ASP A 199 -15.15 -21.46 -8.81
CA ASP A 199 -15.45 -22.86 -9.03
C ASP A 199 -15.86 -23.49 -7.67
N ARG A 200 -17.15 -23.59 -7.43
CA ARG A 200 -17.71 -24.09 -6.14
C ARG A 200 -17.38 -25.56 -5.85
N SER A 201 -17.00 -26.36 -6.87
CA SER A 201 -16.64 -27.77 -6.73
C SER A 201 -15.25 -27.95 -6.10
N MET A 202 -14.40 -26.93 -6.22
CA MET A 202 -13.07 -26.90 -5.64
C MET A 202 -13.09 -26.72 -4.11
N ILE A 203 -14.10 -26.01 -3.56
CA ILE A 203 -14.01 -25.46 -2.20
C ILE A 203 -15.21 -25.74 -1.30
N GLU A 204 -14.91 -25.86 0.00
CA GLU A 204 -15.91 -25.93 1.07
CA GLU A 204 -15.93 -25.91 1.05
C GLU A 204 -15.89 -24.60 1.82
N ILE A 205 -17.04 -23.89 1.86
CA ILE A 205 -17.13 -22.60 2.53
C ILE A 205 -18.01 -22.65 3.77
N GLU A 206 -17.95 -21.59 4.58
CA GLU A 206 -18.99 -21.34 5.58
C GLU A 206 -19.45 -19.88 5.51
N SER A 207 -20.69 -19.64 5.94
CA SER A 207 -21.29 -18.32 5.95
C SER A 207 -20.58 -17.40 6.94
N VAL A 208 -20.61 -16.10 6.67
CA VAL A 208 -20.13 -15.06 7.56
C VAL A 208 -21.39 -14.32 8.06
N PRO A 209 -21.62 -14.27 9.41
CA PRO A 209 -22.87 -13.66 9.92
C PRO A 209 -23.09 -12.22 9.49
N ASP A 210 -24.35 -11.93 9.04
CA ASP A 210 -24.81 -10.65 8.51
C ASP A 210 -24.00 -10.19 7.28
N GLN A 211 -23.50 -11.16 6.50
CA GLN A 211 -22.61 -10.92 5.35
C GLN A 211 -22.93 -11.85 4.19
N ARG A 212 -22.83 -11.33 2.96
CA ARG A 212 -22.91 -12.18 1.77
C ARG A 212 -21.52 -12.78 1.44
N ALA A 213 -20.43 -12.21 2.02
CA ALA A 213 -19.06 -12.75 1.84
C ALA A 213 -18.93 -14.11 2.53
N VAL A 214 -17.95 -14.94 2.10
CA VAL A 214 -17.81 -16.30 2.64
C VAL A 214 -16.39 -16.61 3.11
N LYS A 215 -16.26 -17.55 4.06
CA LYS A 215 -14.95 -18.01 4.53
C LYS A 215 -14.62 -19.36 3.86
N VAL A 216 -13.40 -19.53 3.35
CA VAL A 216 -12.93 -20.81 2.81
C VAL A 216 -12.53 -21.72 3.97
N ASN A 217 -13.23 -22.85 4.15
CA ASN A 217 -12.77 -23.85 5.10
C ASN A 217 -11.72 -24.74 4.48
N PHE A 218 -11.94 -25.19 3.23
CA PHE A 218 -11.06 -26.15 2.56
C PHE A 218 -11.11 -26.01 1.05
N LEU A 219 -9.98 -26.27 0.41
CA LEU A 219 -9.90 -26.51 -1.02
C LEU A 219 -9.75 -28.03 -1.17
N LYS A 220 -10.88 -28.69 -1.45
CA LYS A 220 -10.97 -30.13 -1.70
C LYS A 220 -11.28 -30.32 -3.19
N PRO A 221 -10.22 -30.54 -3.98
CA PRO A 221 -10.40 -30.74 -5.43
C PRO A 221 -11.14 -32.02 -5.79
N PRO A 222 -11.75 -32.13 -7.01
CA PRO A 222 -12.30 -33.43 -7.48
C PRO A 222 -11.24 -34.54 -7.55
N PRO A 223 -11.67 -35.84 -7.60
CA PRO A 223 -10.73 -36.96 -7.67
C PRO A 223 -9.59 -36.93 -8.66
N ASN A 224 -9.81 -36.56 -9.95
CA ASN A 224 -8.72 -36.66 -10.93
C ASN A 224 -7.98 -35.30 -11.14
N PHE A 225 -8.18 -34.35 -10.21
CA PHE A 225 -7.55 -33.03 -10.29
C PHE A 225 -6.07 -33.08 -9.96
N ASN A 226 -5.26 -32.35 -10.75
CA ASN A 226 -3.82 -32.20 -10.53
C ASN A 226 -3.48 -30.71 -10.60
N PHE A 227 -3.16 -30.07 -9.44
CA PHE A 227 -2.95 -28.62 -9.39
C PHE A 227 -1.86 -28.14 -10.31
N ASP A 228 -0.75 -28.88 -10.40
CA ASP A 228 0.38 -28.53 -11.27
C ASP A 228 -0.04 -28.46 -12.74
N GLU A 229 -0.77 -29.47 -13.24
CA GLU A 229 -1.29 -29.46 -14.61
C GLU A 229 -2.35 -28.36 -14.81
N PHE A 230 -3.23 -28.17 -13.81
CA PHE A 230 -4.20 -27.05 -13.81
C PHE A 230 -3.50 -25.68 -13.86
N PHE A 231 -2.47 -25.48 -13.04
CA PHE A 231 -1.69 -24.23 -13.03
C PHE A 231 -1.02 -24.01 -14.38
N THR A 232 -0.38 -25.01 -14.96
CA THR A 232 0.21 -24.89 -16.31
C THR A 232 -0.82 -24.38 -17.33
N LYS A 233 -2.03 -24.96 -17.33
CA LYS A 233 -3.10 -24.49 -18.22
C LYS A 233 -3.42 -23.03 -17.94
N CYS A 234 -3.50 -22.63 -16.66
CA CYS A 234 -3.74 -21.21 -16.27
C CYS A 234 -2.65 -20.24 -16.76
N THR A 235 -1.38 -20.69 -16.84
CA THR A 235 -0.27 -19.80 -17.30
C THR A 235 -0.44 -19.28 -18.75
N THR A 236 -1.30 -19.96 -19.59
CA THR A 236 -1.61 -19.55 -20.97
C THR A 236 -2.13 -18.12 -20.96
N PHE A 237 -2.86 -17.78 -19.88
CA PHE A 237 -3.50 -16.48 -19.72
C PHE A 237 -2.66 -15.50 -18.90
N MET A 238 -1.47 -15.92 -18.44
CA MET A 238 -0.55 -15.07 -17.65
C MET A 238 0.57 -14.51 -18.56
N HIS A 239 0.41 -13.24 -19.00
CA HIS A 239 1.24 -12.59 -20.02
C HIS A 239 2.72 -12.61 -19.66
N TYR A 240 3.08 -12.35 -18.38
CA TYR A 240 4.49 -12.12 -17.95
C TYR A 240 5.05 -13.18 -17.04
N TYR A 241 4.39 -14.36 -16.99
CA TYR A 241 4.89 -15.45 -16.16
C TYR A 241 6.30 -15.92 -16.64
N PRO A 242 7.37 -15.83 -15.80
CA PRO A 242 8.71 -16.26 -16.26
C PRO A 242 8.73 -17.67 -16.81
N SER A 243 9.24 -17.85 -18.03
CA SER A 243 9.12 -19.12 -18.74
C SER A 243 10.35 -19.41 -19.60
N GLY A 244 10.47 -20.66 -20.06
CA GLY A 244 11.55 -21.12 -20.93
C GLY A 244 12.91 -20.88 -20.32
N GLU A 245 13.75 -20.12 -21.04
CA GLU A 245 15.08 -19.75 -20.55
C GLU A 245 15.02 -18.92 -19.25
N HIS A 246 13.86 -18.26 -18.96
CA HIS A 246 13.75 -17.41 -17.76
C HIS A 246 12.88 -18.01 -16.65
N LYS A 247 12.60 -19.32 -16.74
CA LYS A 247 11.76 -19.99 -15.73
C LYS A 247 12.39 -20.02 -14.30
N ASN A 248 13.68 -19.67 -14.16
CA ASN A 248 14.36 -19.64 -12.87
C ASN A 248 14.25 -18.25 -12.19
N LEU A 249 13.61 -17.28 -12.87
CA LEU A 249 13.49 -15.92 -12.32
C LEU A 249 12.13 -15.73 -11.67
N LEU A 250 12.07 -14.93 -10.60
CA LEU A 250 10.79 -14.59 -9.97
C LEU A 250 9.95 -13.57 -10.78
N ARG A 251 10.60 -12.74 -11.61
CA ARG A 251 9.92 -11.67 -12.39
C ARG A 251 10.63 -11.52 -13.69
N LEU A 252 9.82 -11.41 -14.75
CA LEU A 252 10.29 -11.00 -16.06
C LEU A 252 10.98 -9.65 -15.99
N ALA A 253 10.55 -8.74 -15.09
CA ALA A 253 11.15 -7.40 -14.89
C ALA A 253 12.65 -7.50 -14.59
N THR A 255 14.68 -9.12 -16.29
CA THR A 255 15.33 -9.20 -17.61
C THR A 255 15.30 -7.85 -18.37
N LEU A 256 14.74 -6.78 -17.76
CA LEU A 256 14.64 -5.47 -18.42
C LEU A 256 16.00 -4.98 -18.84
N LYS A 257 16.09 -4.44 -20.05
CA LYS A 257 17.36 -3.94 -20.55
C LYS A 257 17.32 -2.43 -20.57
N PRO A 258 18.47 -1.71 -20.50
CA PRO A 258 18.44 -0.23 -20.62
C PRO A 258 17.61 0.29 -21.79
N ASP A 259 16.79 1.29 -21.49
CA ASP A 259 15.84 1.89 -22.41
C ASP A 259 15.58 3.25 -21.79
N PRO A 260 16.28 4.30 -22.25
CA PRO A 260 16.09 5.63 -21.62
C PRO A 260 14.66 6.18 -21.55
N GLU A 261 13.84 5.97 -22.59
CA GLU A 261 12.44 6.45 -22.61
C GLU A 261 11.60 5.66 -21.53
N LEU A 262 11.81 4.35 -21.44
CA LEU A 262 11.14 3.56 -20.40
C LEU A 262 11.60 3.99 -18.99
N GLU A 263 12.91 4.10 -18.77
CA GLU A 263 13.43 4.51 -17.47
C GLU A 263 12.92 5.90 -17.06
N MET A 264 12.93 6.86 -17.99
CA MET A 264 12.36 8.21 -17.71
C MET A 264 10.89 8.13 -17.18
N SER A 265 10.07 7.29 -17.81
CA SER A 265 8.71 7.00 -17.39
C SER A 265 8.63 6.30 -15.99
N LEU A 266 9.44 5.25 -15.73
CA LEU A 266 9.36 4.48 -14.47
C LEU A 266 9.91 5.22 -13.28
N GLN A 267 10.97 6.03 -13.48
CA GLN A 267 11.58 6.74 -12.33
C GLN A 267 10.63 7.77 -11.68
N LYS A 268 9.61 8.26 -12.41
CA LYS A 268 8.63 9.22 -11.92
C LYS A 268 7.82 8.66 -10.73
N TYR A 269 7.77 7.31 -10.56
CA TYR A 269 7.01 6.69 -9.49
C TYR A 269 7.84 6.57 -8.21
N VAL A 270 9.12 6.89 -8.26
CA VAL A 270 10.06 6.50 -7.22
C VAL A 270 10.71 7.76 -6.66
N MET A 271 10.76 7.86 -5.33
CA MET A 271 11.27 9.02 -4.61
CA MET A 271 11.30 9.02 -4.59
C MET A 271 12.74 9.23 -4.98
N GLU A 272 13.18 10.49 -5.06
CA GLU A 272 14.55 10.83 -5.45
C GLU A 272 15.66 10.20 -4.55
N SER A 273 15.41 10.10 -3.24
CA SER A 273 16.40 9.50 -2.33
C SER A 273 16.57 8.02 -2.64
N ILE A 274 15.49 7.33 -3.11
CA ILE A 274 15.58 5.93 -3.56
C ILE A 274 16.42 5.82 -4.82
N LEU A 275 16.16 6.75 -5.77
CA LEU A 275 16.92 6.83 -7.03
C LEU A 275 18.41 7.05 -6.74
N LYS A 276 18.70 7.88 -5.74
CA LYS A 276 20.09 8.16 -5.35
C LYS A 276 20.83 6.87 -4.92
N GLN A 277 20.14 6.02 -4.14
CA GLN A 277 20.66 4.72 -3.72
C GLN A 277 20.81 3.75 -4.92
N ILE A 278 19.79 3.68 -5.79
CA ILE A 278 19.83 2.90 -7.04
C ILE A 278 21.08 3.25 -7.89
N ASP A 279 21.40 4.54 -7.95
CA ASP A 279 22.54 5.08 -8.72
C ASP A 279 23.89 4.94 -7.99
N ASN A 280 23.90 4.20 -6.85
CA ASN A 280 25.15 4.02 -6.05
C ASN A 280 25.78 5.36 -5.61
N LYS A 281 24.95 6.38 -5.36
CA LYS A 281 25.42 7.67 -4.87
C LYS A 281 25.01 7.89 -3.41
N GLN A 282 24.49 6.85 -2.75
CA GLN A 282 24.09 6.89 -1.34
C GLN A 282 24.23 5.45 -0.86
N LEU A 283 24.70 5.28 0.37
CA LEU A 283 24.86 3.97 1.01
C LEU A 283 23.54 3.21 1.04
N GLN A 284 23.59 1.92 0.72
CA GLN A 284 22.40 1.05 0.54
C GLN A 284 21.56 0.93 1.79
N GLY A 285 22.12 1.31 2.94
CA GLY A 285 21.46 1.17 4.23
C GLY A 285 21.03 2.50 4.85
N TYR A 286 21.27 3.63 4.14
CA TYR A 286 21.00 5.00 4.63
C TYR A 286 19.48 5.25 4.92
N LEU A 287 18.59 4.60 4.18
CA LEU A 287 17.16 4.86 4.30
C LEU A 287 16.44 3.98 5.31
N SER A 288 17.12 3.02 5.95
CA SER A 288 16.52 2.24 7.05
C SER A 288 16.76 2.97 8.37
N GLU A 289 15.71 3.51 8.96
CA GLU A 289 15.92 4.35 10.16
C GLU A 289 14.69 4.51 11.02
N LEU A 290 14.89 4.69 12.31
CA LEU A 290 13.86 5.14 13.26
C LEU A 290 14.06 6.62 13.43
N ARG A 291 13.08 7.37 12.96
CA ARG A 291 13.23 8.78 12.67
C ARG A 291 12.01 9.57 13.13
N PRO A 292 12.20 10.72 13.81
CA PRO A 292 11.04 11.60 14.07
C PRO A 292 10.56 12.29 12.80
N VAL A 293 9.27 12.11 12.49
CA VAL A 293 8.65 12.71 11.30
C VAL A 293 7.28 13.29 11.72
N THR A 294 6.68 14.11 10.84
CA THR A 294 5.27 14.46 10.94
C THR A 294 4.51 13.83 9.78
N ILE A 295 3.52 13.01 10.12
CA ILE A 295 2.57 12.43 9.19
C ILE A 295 1.41 13.37 8.99
N VAL A 296 1.11 13.67 7.71
CA VAL A 296 -0.08 14.41 7.28
C VAL A 296 -0.90 13.49 6.36
N PHE A 297 -1.95 12.90 6.93
CA PHE A 297 -2.74 11.91 6.22
C PHE A 297 -4.01 12.59 5.70
N VAL A 298 -4.08 12.77 4.36
CA VAL A 298 -5.16 13.50 3.69
C VAL A 298 -6.15 12.49 3.08
N ASN A 299 -7.42 12.54 3.51
CA ASN A 299 -8.47 11.74 2.92
C ASN A 299 -9.46 12.59 2.10
N LEU A 300 -9.76 12.13 0.87
CA LEU A 300 -10.74 12.77 -0.01
C LEU A 300 -11.91 11.79 -0.25
N MET A 301 -13.12 12.22 0.09
CA MET A 301 -14.35 11.46 -0.15
C MET A 301 -15.15 12.08 -1.30
N PHE A 302 -15.66 11.28 -2.25
CA PHE A 302 -16.27 11.81 -3.49
C PHE A 302 -17.77 11.81 -3.49
N GLU A 303 -18.38 12.84 -4.17
CA GLU A 303 -19.84 13.00 -4.28
C GLU A 303 -20.44 11.71 -4.82
N ASP A 304 -20.05 11.32 -6.04
CA ASP A 304 -20.35 10.01 -6.60
C ASP A 304 -19.12 9.14 -6.42
N GLN A 305 -19.18 8.26 -5.41
CA GLN A 305 -18.11 7.33 -5.06
C GLN A 305 -17.83 6.32 -6.18
N ASP A 306 -18.90 5.74 -6.78
CA ASP A 306 -18.83 4.64 -7.74
C ASP A 306 -18.47 5.08 -9.19
N LYS A 307 -18.13 6.38 -9.42
CA LYS A 307 -17.85 6.88 -10.77
C LYS A 307 -16.36 7.19 -11.00
N ALA A 308 -15.61 6.20 -11.54
CA ALA A 308 -14.19 6.28 -11.91
C ALA A 308 -13.87 7.47 -12.83
N GLU A 309 -14.77 7.76 -13.78
CA GLU A 309 -14.66 8.85 -14.77
C GLU A 309 -14.69 10.22 -14.12
N GLU A 310 -15.40 10.34 -12.98
CA GLU A 310 -15.53 11.56 -12.20
C GLU A 310 -14.40 11.76 -11.19
N ILE A 311 -13.96 10.68 -10.53
CA ILE A 311 -13.00 10.79 -9.44
C ILE A 311 -11.58 11.05 -9.98
N GLY A 312 -11.27 10.50 -11.16
CA GLY A 312 -9.99 10.68 -11.84
C GLY A 312 -9.52 12.13 -11.95
N PRO A 313 -10.27 13.03 -12.65
CA PRO A 313 -9.88 14.45 -12.68
C PRO A 313 -9.81 15.13 -11.32
N ALA A 314 -10.67 14.71 -10.37
CA ALA A 314 -10.70 15.32 -9.02
C ALA A 314 -9.42 15.01 -8.24
N ILE A 315 -8.97 13.74 -8.26
CA ILE A 315 -7.71 13.32 -7.64
C ILE A 315 -6.51 14.05 -8.27
N GLN A 316 -6.51 14.12 -9.62
CA GLN A 316 -5.49 14.86 -10.37
C GLN A 316 -5.43 16.33 -9.92
N ASP A 317 -6.60 17.02 -9.85
CA ASP A 317 -6.63 18.43 -9.40
C ASP A 317 -6.12 18.57 -7.97
N ALA A 318 -6.54 17.67 -7.06
CA ALA A 318 -6.06 17.68 -5.67
C ALA A 318 -4.54 17.43 -5.63
N TYR A 319 -4.07 16.43 -6.39
CA TYR A 319 -2.65 16.07 -6.46
C TYR A 319 -1.81 17.30 -6.86
N MET A 320 -2.26 18.02 -7.92
CA MET A 320 -1.53 19.19 -8.42
C MET A 320 -1.34 20.22 -7.31
N HIS A 321 -2.38 20.48 -6.53
CA HIS A 321 -2.25 21.36 -5.37
C HIS A 321 -1.42 20.76 -4.24
N ILE A 322 -1.70 19.51 -3.82
CA ILE A 322 -0.91 18.83 -2.76
C ILE A 322 0.61 18.91 -3.06
N THR A 323 1.02 18.54 -4.30
CA THR A 323 2.43 18.49 -4.62
C THR A 323 3.10 19.89 -4.54
N SER A 324 2.39 20.96 -4.96
CA SER A 324 2.93 22.33 -4.86
C SER A 324 3.12 22.79 -3.41
N VAL A 325 2.16 22.45 -2.53
CA VAL A 325 2.24 22.78 -1.10
C VAL A 325 3.37 21.97 -0.40
N LEU A 326 3.51 20.68 -0.72
CA LEU A 326 4.57 19.84 -0.12
C LEU A 326 5.97 20.27 -0.52
N LYS A 327 6.16 20.67 -1.79
CA LYS A 327 7.45 21.15 -2.32
C LYS A 327 8.03 22.28 -1.44
N ILE A 328 7.18 23.21 -1.06
CA ILE A 328 7.52 24.37 -0.26
C ILE A 328 8.24 23.92 1.06
N PHE A 329 7.85 22.79 1.71
CA PHE A 329 8.53 22.35 2.94
C PHE A 329 9.24 20.99 2.85
N GLN A 330 9.54 20.53 1.63
CA GLN A 330 10.21 19.25 1.35
C GLN A 330 9.43 18.03 1.92
N GLY A 331 8.12 18.23 2.16
CA GLY A 331 7.17 17.15 2.41
C GLY A 331 7.10 16.24 1.20
N GLN A 332 6.77 14.96 1.43
CA GLN A 332 6.73 13.93 0.39
CA GLN A 332 6.73 13.93 0.39
C GLN A 332 5.41 13.18 0.46
N ILE A 333 4.91 12.76 -0.70
CA ILE A 333 3.83 11.78 -0.71
C ILE A 333 4.54 10.42 -0.64
N ASN A 334 4.30 9.67 0.44
CA ASN A 334 4.88 8.35 0.57
C ASN A 334 4.02 7.28 -0.11
N LYS A 335 2.70 7.33 0.08
CA LYS A 335 1.76 6.40 -0.55
C LYS A 335 0.46 7.09 -0.87
N VAL A 336 -0.25 6.55 -1.87
CA VAL A 336 -1.65 6.86 -2.17
C VAL A 336 -2.45 5.54 -2.14
N PHE A 337 -3.58 5.54 -1.46
CA PHE A 337 -4.43 4.35 -1.25
C PHE A 337 -5.84 4.77 -1.47
N MET A 338 -6.69 3.82 -1.86
CA MET A 338 -8.12 4.05 -2.06
C MET A 338 -8.98 2.78 -1.91
N PHE A 339 -9.96 2.78 -0.99
CA PHE A 339 -10.85 1.62 -0.80
C PHE A 339 -12.29 2.00 -0.56
N ASP A 340 -12.64 2.52 0.64
CA ASP A 340 -14.00 2.88 1.09
C ASP A 340 -14.46 4.14 0.35
N LYS A 341 -13.95 4.24 -0.88
CA LYS A 341 -13.97 5.28 -1.89
C LYS A 341 -13.33 6.59 -1.46
N GLY A 342 -12.80 6.67 -0.26
CA GLY A 342 -11.88 7.74 0.06
C GLY A 342 -10.55 7.50 -0.62
N CYS A 343 -10.03 8.53 -1.27
CA CYS A 343 -8.65 8.51 -1.72
C CYS A 343 -7.78 9.14 -0.62
N SER A 344 -6.75 8.43 -0.19
CA SER A 344 -5.92 8.86 0.96
C SER A 344 -4.46 9.06 0.54
N PHE A 345 -3.91 10.24 0.84
CA PHE A 345 -2.50 10.56 0.60
C PHE A 345 -1.75 10.49 1.91
N LEU A 346 -0.74 9.59 1.99
CA LEU A 346 0.08 9.53 3.20
C LEU A 346 1.29 10.47 2.93
N CYS A 347 1.29 11.65 3.56
CA CYS A 347 2.35 12.66 3.35
C CYS A 347 3.26 12.67 4.57
N VAL A 348 4.57 12.90 4.35
CA VAL A 348 5.58 12.82 5.41
C VAL A 348 6.44 14.07 5.35
N PHE A 349 6.62 14.72 6.49
CA PHE A 349 7.57 15.83 6.67
C PHE A 349 8.69 15.33 7.59
N GLY A 350 9.92 15.66 7.22
CA GLY A 350 11.13 15.25 7.91
C GLY A 350 11.69 13.89 7.50
N PHE A 351 11.51 13.47 6.22
CA PHE A 351 12.15 12.26 5.69
C PHE A 351 13.71 12.45 5.68
N PRO A 352 14.53 11.39 5.45
CA PRO A 352 16.01 11.58 5.42
C PRO A 352 16.51 12.59 4.42
N GLY A 353 17.31 13.54 4.90
CA GLY A 353 17.87 14.64 4.12
C GLY A 353 16.87 15.72 3.75
N GLU A 354 15.65 15.66 4.33
CA GLU A 354 14.55 16.59 4.08
C GLU A 354 14.05 17.24 5.38
N LYS A 355 14.67 16.89 6.54
CA LYS A 355 14.38 17.44 7.87
C LYS A 355 14.85 18.88 8.00
N VAL A 356 13.93 19.76 8.42
CA VAL A 356 14.09 21.22 8.50
C VAL A 356 13.41 21.78 9.80
N PRO A 357 13.94 22.82 10.49
CA PRO A 357 13.22 23.42 11.64
C PRO A 357 11.78 23.87 11.37
N ASP A 358 10.94 23.93 12.46
CA ASP A 358 9.50 24.26 12.44
C ASP A 358 8.70 23.27 11.59
N GLU A 359 9.14 22.00 11.54
CA GLU A 359 8.39 20.94 10.89
C GLU A 359 6.88 21.05 11.24
N LEU A 360 6.56 21.32 12.53
CA LEU A 360 5.22 21.19 13.13
C LEU A 360 4.27 22.28 12.68
N THR A 361 4.64 23.56 12.86
CA THR A 361 3.91 24.72 12.31
C THR A 361 3.67 24.55 10.82
N HIS A 362 4.72 24.23 10.06
CA HIS A 362 4.63 24.05 8.62
C HIS A 362 3.70 22.91 8.25
N ALA A 363 3.77 21.72 8.94
CA ALA A 363 2.85 20.61 8.66
C ALA A 363 1.37 21.06 8.86
N LEU A 364 1.08 21.81 9.93
CA LEU A 364 -0.25 22.34 10.20
C LEU A 364 -0.72 23.30 9.14
N GLU A 365 0.14 24.28 8.76
CA GLU A 365 -0.18 25.27 7.70
C GLU A 365 -0.38 24.60 6.37
N CYS A 366 0.44 23.58 6.07
CA CYS A 366 0.30 22.81 4.84
CA CYS A 366 0.32 22.79 4.86
C CYS A 366 -1.01 22.02 4.82
N ALA A 367 -1.36 21.37 5.95
CA ALA A 367 -2.64 20.67 6.10
C ALA A 367 -3.81 21.64 5.83
N MET A 368 -3.80 22.83 6.49
CA MET A 368 -4.85 23.82 6.28
C MET A 368 -4.97 24.28 4.81
N ASP A 369 -3.84 24.54 4.19
CA ASP A 369 -3.80 24.93 2.79
C ASP A 369 -4.45 23.81 1.90
N ILE A 370 -3.96 22.56 2.03
CA ILE A 370 -4.52 21.39 1.34
C ILE A 370 -6.02 21.25 1.60
N PHE A 371 -6.43 21.35 2.87
CA PHE A 371 -7.85 21.32 3.27
C PHE A 371 -8.68 22.38 2.52
N ASP A 372 -8.23 23.65 2.53
CA ASP A 372 -9.01 24.72 1.88
C ASP A 372 -9.12 24.54 0.38
N PHE A 373 -8.02 24.16 -0.28
CA PHE A 373 -8.06 24.00 -1.73
C PHE A 373 -8.92 22.80 -2.15
N CYS A 374 -8.66 21.62 -1.56
CA CYS A 374 -9.35 20.39 -1.99
C CYS A 374 -10.84 20.44 -1.71
N SER A 375 -11.26 21.13 -0.65
CA SER A 375 -12.69 21.36 -0.36
C SER A 375 -13.44 22.08 -1.50
N GLN A 376 -12.73 22.90 -2.29
CA GLN A 376 -13.30 23.64 -3.42
C GLN A 376 -13.16 22.87 -4.74
N VAL A 377 -12.50 21.69 -4.72
CA VAL A 377 -12.35 20.88 -5.93
C VAL A 377 -13.69 20.20 -6.27
N HIS A 378 -14.11 20.36 -7.53
CA HIS A 378 -15.28 19.73 -8.13
C HIS A 378 -15.29 18.23 -7.85
N LYS A 379 -16.39 17.72 -7.30
CA LYS A 379 -16.68 16.31 -7.03
C LYS A 379 -16.09 15.80 -5.71
N ILE A 380 -15.22 16.58 -5.07
CA ILE A 380 -14.75 16.21 -3.74
C ILE A 380 -15.81 16.63 -2.72
N GLN A 381 -16.43 15.65 -2.06
CA GLN A 381 -17.52 15.88 -1.11
C GLN A 381 -16.99 16.33 0.25
N THR A 382 -15.90 15.72 0.72
CA THR A 382 -15.36 15.91 2.07
C THR A 382 -13.85 15.67 2.07
N VAL A 383 -13.10 16.60 2.69
CA VAL A 383 -11.67 16.51 2.97
C VAL A 383 -11.47 16.35 4.46
N SER A 384 -10.65 15.38 4.84
CA SER A 384 -10.32 15.12 6.23
C SER A 384 -8.81 14.93 6.33
N ILE A 385 -8.19 15.56 7.34
CA ILE A 385 -6.73 15.51 7.48
C ILE A 385 -6.32 15.26 8.90
N GLY A 386 -5.57 14.18 9.11
CA GLY A 386 -4.99 13.83 10.41
C GLY A 386 -3.49 14.05 10.43
N VAL A 387 -3.01 14.72 11.49
CA VAL A 387 -1.62 15.17 11.63
C VAL A 387 -1.06 14.60 12.95
N ALA A 388 -0.02 13.74 12.86
CA ALA A 388 0.57 13.10 14.04
C ALA A 388 2.10 13.13 13.89
N SER A 389 2.83 13.37 15.00
CA SER A 389 4.30 13.47 14.98
C SER A 389 4.97 12.58 16.02
N GLY A 390 6.05 11.94 15.58
CA GLY A 390 6.79 11.02 16.43
C GLY A 390 7.76 10.16 15.66
N ILE A 391 8.28 9.14 16.35
CA ILE A 391 9.27 8.21 15.84
C ILE A 391 8.55 7.18 15.02
N VAL A 392 8.91 7.10 13.75
CA VAL A 392 8.36 6.09 12.86
C VAL A 392 9.51 5.30 12.21
N PHE A 393 9.22 4.08 11.80
CA PHE A 393 10.18 3.31 11.01
C PHE A 393 10.01 3.69 9.56
N CYS A 394 11.15 3.96 8.90
CA CYS A 394 11.26 4.17 7.46
C CYS A 394 12.22 3.13 6.90
N GLY A 395 11.89 2.54 5.75
CA GLY A 395 12.83 1.61 5.11
C GLY A 395 12.24 0.98 3.87
N ILE A 396 13.08 0.38 3.06
CA ILE A 396 12.65 -0.39 1.89
C ILE A 396 12.14 -1.76 2.36
N VAL A 397 10.83 -2.00 2.14
CA VAL A 397 10.19 -3.20 2.66
C VAL A 397 9.78 -4.15 1.52
N GLY A 398 10.09 -5.44 1.64
CA GLY A 398 9.67 -6.40 0.63
C GLY A 398 10.77 -7.38 0.28
N HIS A 399 10.74 -7.90 -0.95
CA HIS A 399 11.70 -8.87 -1.47
C HIS A 399 12.73 -8.08 -2.32
N THR A 400 13.97 -8.61 -2.44
CA THR A 400 14.96 -8.08 -3.43
C THR A 400 14.31 -7.71 -4.78
N VAL A 401 13.46 -8.60 -5.34
CA VAL A 401 12.89 -8.38 -6.69
C VAL A 401 11.63 -7.48 -6.66
N ARG A 402 11.08 -7.22 -5.47
CA ARG A 402 9.81 -6.51 -5.36
C ARG A 402 9.66 -5.92 -3.97
N HIS A 403 9.89 -4.60 -3.88
CA HIS A 403 9.98 -3.88 -2.60
C HIS A 403 9.60 -2.44 -2.76
N GLU A 404 9.26 -1.77 -1.66
CA GLU A 404 8.88 -0.36 -1.68
C GLU A 404 9.34 0.34 -0.42
N TYR A 405 9.68 1.60 -0.57
CA TYR A 405 9.93 2.45 0.60
C TYR A 405 8.63 2.68 1.40
N THR A 406 8.68 2.38 2.70
CA THR A 406 7.44 2.31 3.50
C THR A 406 7.67 3.00 4.85
N VAL A 407 6.63 3.65 5.39
CA VAL A 407 6.69 4.17 6.77
C VAL A 407 5.76 3.34 7.66
N ILE A 408 6.22 3.00 8.87
CA ILE A 408 5.44 2.12 9.80
C ILE A 408 5.58 2.68 11.23
N GLY A 409 4.46 2.74 11.96
CA GLY A 409 4.51 3.18 13.35
C GLY A 409 3.16 3.59 13.87
N GLN A 410 3.04 3.63 15.19
CA GLN A 410 1.80 4.06 15.87
C GLN A 410 1.31 5.43 15.38
N LYS A 411 2.23 6.40 15.12
CA LYS A 411 1.82 7.73 14.65
C LYS A 411 1.27 7.75 13.22
N VAL A 412 1.72 6.79 12.36
CA VAL A 412 1.13 6.59 11.03
C VAL A 412 -0.33 6.13 11.21
N ASN A 413 -0.54 5.09 12.05
CA ASN A 413 -1.88 4.53 12.30
CA ASN A 413 -1.89 4.55 12.28
C ASN A 413 -2.82 5.60 12.90
N LEU A 414 -2.32 6.40 13.84
CA LEU A 414 -3.06 7.46 14.50
C LEU A 414 -3.56 8.55 13.51
N ALA A 415 -2.66 9.12 12.67
CA ALA A 415 -3.08 10.06 11.63
C ALA A 415 -4.16 9.46 10.69
N ALA A 416 -4.03 8.16 10.31
CA ALA A 416 -5.00 7.46 9.45
C ALA A 416 -6.35 7.33 10.18
N ARG A 417 -6.34 6.98 11.48
CA ARG A 417 -7.58 6.85 12.25
C ARG A 417 -8.22 8.20 12.49
N MET A 418 -7.42 9.26 12.78
CA MET A 418 -7.94 10.61 13.04
C MET A 418 -8.73 11.14 11.82
N MET A 419 -8.19 10.97 10.60
CA MET A 419 -8.86 11.48 9.40
C MET A 419 -10.21 10.74 9.14
N MET A 420 -10.34 9.45 9.58
CA MET A 420 -11.59 8.69 9.43
C MET A 420 -12.56 8.99 10.57
N TYR A 421 -12.04 9.10 11.80
CA TYR A 421 -12.90 9.31 12.95
C TYR A 421 -13.30 10.77 13.16
N TYR A 422 -12.57 11.73 12.56
CA TYR A 422 -12.93 13.14 12.70
C TYR A 422 -13.04 13.71 11.29
N PRO A 423 -14.08 13.34 10.52
CA PRO A 423 -14.12 13.73 9.09
C PRO A 423 -14.39 15.22 8.92
N GLY A 424 -13.98 15.78 7.79
CA GLY A 424 -14.33 17.16 7.44
C GLY A 424 -13.53 18.26 8.11
N ILE A 425 -12.52 17.89 8.92
CA ILE A 425 -11.72 18.86 9.66
C ILE A 425 -10.23 18.50 9.58
N VAL A 426 -9.35 19.41 10.02
CA VAL A 426 -7.92 19.11 10.21
C VAL A 426 -7.75 18.77 11.68
N THR A 427 -7.21 17.56 11.98
CA THR A 427 -6.89 17.19 13.38
C THR A 427 -5.39 17.01 13.60
N CYS A 428 -4.95 17.23 14.85
CA CYS A 428 -3.59 16.91 15.24
C CYS A 428 -3.49 16.26 16.64
N ASP A 429 -2.39 15.54 16.84
CA ASP A 429 -2.09 14.89 18.13
C ASP A 429 -1.45 15.90 19.15
N SER A 430 -1.15 15.43 20.36
CA SER A 430 -0.56 16.27 21.41
C SER A 430 0.83 16.76 21.09
N VAL A 431 1.67 15.91 20.47
CA VAL A 431 3.04 16.29 20.06
C VAL A 431 3.00 17.50 19.14
N THR A 432 2.14 17.45 18.12
CA THR A 432 2.06 18.54 17.13
C THR A 432 1.56 19.79 17.79
N TYR A 433 0.50 19.67 18.61
CA TYR A 433 -0.13 20.80 19.28
C TYR A 433 0.89 21.56 20.19
N ASN A 434 1.50 20.83 21.12
CA ASN A 434 2.46 21.38 22.08
C ASN A 434 3.73 21.92 21.44
N GLY A 435 4.20 21.28 20.39
CA GLY A 435 5.44 21.65 19.72
C GLY A 435 5.31 22.78 18.72
N SER A 436 4.11 22.96 18.11
CA SER A 436 3.83 24.08 17.18
C SER A 436 4.12 25.44 17.87
N ASN A 437 3.88 25.51 19.18
CA ASN A 437 3.94 26.71 20.02
C ASN A 437 3.01 27.82 19.53
N LEU A 438 2.28 27.60 18.37
CA LEU A 438 1.19 28.44 17.84
C LEU A 438 0.22 28.79 18.95
N PRO A 439 -0.51 29.94 18.90
CA PRO A 439 -1.41 30.27 20.03
C PRO A 439 -2.50 29.21 20.24
N ALA A 440 -2.91 29.00 21.51
CA ALA A 440 -3.86 27.95 21.89
C ALA A 440 -5.20 28.07 21.15
N TYR A 441 -5.70 29.32 20.94
CA TYR A 441 -6.95 29.63 20.24
C TYR A 441 -6.95 29.28 18.75
N PHE A 442 -5.81 28.89 18.17
CA PHE A 442 -5.72 28.35 16.80
C PHE A 442 -6.27 26.90 16.76
N PHE A 443 -6.54 26.32 17.95
CA PHE A 443 -6.93 24.92 18.04
C PHE A 443 -8.25 24.78 18.79
N LYS A 444 -8.88 23.62 18.64
CA LYS A 444 -9.99 23.24 19.49
C LYS A 444 -9.71 21.88 20.11
N GLU A 445 -9.80 21.78 21.43
CA GLU A 445 -9.68 20.48 22.10
C GLU A 445 -10.91 19.59 21.79
N LEU A 446 -10.67 18.37 21.26
CA LEU A 446 -11.70 17.47 20.76
C LEU A 446 -12.22 16.45 21.78
N PRO A 447 -13.50 16.00 21.65
CA PRO A 447 -13.92 14.81 22.43
C PRO A 447 -13.04 13.61 22.09
N LYS A 448 -12.69 12.80 23.11
CA LYS A 448 -11.88 11.58 22.95
C LYS A 448 -12.78 10.50 22.30
N LYS A 449 -12.36 9.93 21.18
CA LYS A 449 -13.08 8.83 20.50
C LYS A 449 -12.28 7.54 20.66
N VAL A 450 -12.98 6.40 20.82
CA VAL A 450 -12.28 5.10 20.79
C VAL A 450 -12.05 4.71 19.31
N MET A 451 -10.76 4.62 18.91
CA MET A 451 -10.36 4.36 17.52
C MET A 451 -9.61 3.03 17.36
N LYS A 452 -9.94 2.29 16.27
CA LYS A 452 -9.43 0.93 16.01
C LYS A 452 -7.91 0.88 15.91
N GLY A 453 -7.30 0.15 16.85
CA GLY A 453 -5.85 -0.09 16.84
C GLY A 453 -5.02 0.97 17.53
N VAL A 454 -5.69 1.91 18.22
CA VAL A 454 -5.05 2.97 19.00
C VAL A 454 -5.59 2.92 20.45
N ALA A 455 -4.69 3.00 21.45
CA ALA A 455 -5.06 2.95 22.86
C ALA A 455 -4.87 4.30 23.54
N ASP A 456 -3.64 4.63 23.96
CA ASP A 456 -3.35 5.92 24.59
C ASP A 456 -2.97 6.97 23.53
N SER A 457 -3.99 7.40 22.74
CA SER A 457 -3.85 8.43 21.70
C SER A 457 -3.39 9.77 22.23
N GLY A 458 -3.71 10.06 23.51
CA GLY A 458 -3.47 11.35 24.15
C GLY A 458 -4.51 12.38 23.73
N PRO A 459 -4.51 13.62 24.28
CA PRO A 459 -5.48 14.62 23.80
C PRO A 459 -5.34 14.89 22.30
N LEU A 460 -6.47 15.00 21.61
CA LEU A 460 -6.50 15.34 20.19
C LEU A 460 -7.12 16.74 19.98
N TYR A 461 -6.71 17.42 18.90
CA TYR A 461 -7.11 18.80 18.65
C TYR A 461 -7.56 18.94 17.24
N GLN A 462 -8.50 19.83 17.03
CA GLN A 462 -8.77 20.32 15.69
C GLN A 462 -7.85 21.54 15.47
N TYR A 463 -7.24 21.64 14.29
CA TYR A 463 -6.57 22.87 13.88
C TYR A 463 -7.66 23.76 13.26
N TRP A 464 -8.06 24.76 14.02
CA TRP A 464 -9.13 25.68 13.63
C TRP A 464 -8.61 26.69 12.61
N GLY A 465 -7.35 27.11 12.77
CA GLY A 465 -6.73 28.14 11.94
C GLY A 465 -6.58 29.49 12.61
N ARG A 466 -6.07 30.47 11.85
CA ARG A 466 -5.64 31.79 12.36
C ARG A 466 -6.79 32.66 12.84
N THR A 467 -7.97 32.48 12.26
CA THR A 467 -9.09 33.40 12.51
C THR A 467 -10.27 32.67 13.13
N GLU A 468 -11.16 33.42 13.78
CA GLU A 468 -12.41 32.87 14.28
C GLU A 468 -13.23 32.29 13.12
N LYS A 469 -13.24 33.03 11.98
CA LYS A 469 -13.70 32.57 10.67
C LYS A 469 -12.65 31.67 10.02
#